data_4MHW
#
_entry.id   4MHW
#
_cell.length_a   63.730
_cell.length_b   84.090
_cell.length_c   128.810
_cell.angle_alpha   90.00
_cell.angle_beta   94.58
_cell.angle_gamma   90.00
#
_symmetry.space_group_name_H-M   'C 1 2 1'
#
loop_
_entity.id
_entity.type
_entity.pdbx_description
1 polymer 'Thiamine transporter ThiT'
2 non-polymer 2-{4-[(4-amino-2-methylpyrimidin-5-yl)methyl]-3-methylthiophen-2-yl}ethanol
3 non-polymer 'nonyl beta-D-glucopyranoside'
4 non-polymer 'HEXAETHYLENE GLYCOL'
5 non-polymer 'PENTAETHYLENE GLYCOL'
6 non-polymer DI(HYDROXYETHYL)ETHER
7 non-polymer 2-{2-[2-(2-{2-[2-(2-ETHOXY-ETHOXY)-ETHOXY]-ETHOXY}-ETHOXY)-ETHOXY]-ETHOXY}-ETHANOL
8 non-polymer 2-(2-METHOXYETHOXY)ETHANOL
9 non-polymer 'TETRAETHYLENE GLYCOL'
10 water water
#
_entity_poly.entity_id   1
_entity_poly.type   'polypeptide(L)'
_entity_poly.pdbx_seq_one_letter_code
;MHHHHHHHHAMSNSKFNVRLLTEIAFMAALAFIISLIPNTVYGWIIVEIACIPILLLSLRRGLTAGLVGGLIWGILSMIT
GHAYILSLSQAFLEYLVAPVSLGIAGLFRQKTAPLKLAPVLLGTFVAVLLKYFFHFIAGIIFWSQYAWKGWGAVAYSLAV
NGISGILTAIAAFVILIIFVKKFPKLFIHSNY
;
_entity_poly.pdbx_strand_id   A,B
#
loop_
_chem_comp.id
_chem_comp.type
_chem_comp.name
_chem_comp.formula
0YN non-polymer 2-{4-[(4-amino-2-methylpyrimidin-5-yl)methyl]-3-methylthiophen-2-yl}ethanol 'C13 H17 N3 O S'
1PE non-polymer 'PENTAETHYLENE GLYCOL' 'C10 H22 O6'
BNG D-saccharide 'nonyl beta-D-glucopyranoside' 'C15 H30 O6'
P6G non-polymer 'HEXAETHYLENE GLYCOL' 'C12 H26 O7'
PE4 non-polymer 2-{2-[2-(2-{2-[2-(2-ETHOXY-ETHOXY)-ETHOXY]-ETHOXY}-ETHOXY)-ETHOXY]-ETHOXY}-ETHANOL 'C16 H34 O8'
PEG non-polymer DI(HYDROXYETHYL)ETHER 'C4 H10 O3'
PG0 non-polymer 2-(2-METHOXYETHOXY)ETHANOL 'C5 H12 O3'
PG4 non-polymer 'TETRAETHYLENE GLYCOL' 'C8 H18 O5'
#
# COMPACT_ATOMS: atom_id res chain seq x y z
N PHE A 16 19.94 -2.31 -30.15
CA PHE A 16 19.26 -1.34 -29.30
C PHE A 16 19.39 0.07 -29.91
N ASN A 17 18.35 0.87 -29.77
CA ASN A 17 18.29 2.19 -30.36
C ASN A 17 18.98 3.29 -29.56
N VAL A 18 19.24 4.37 -30.26
CA VAL A 18 19.69 5.59 -29.63
C VAL A 18 18.54 6.08 -28.78
N ARG A 19 17.35 5.93 -29.35
CA ARG A 19 16.11 6.22 -28.64
C ARG A 19 16.05 5.48 -27.29
N LEU A 20 16.46 4.22 -27.26
CA LEU A 20 16.30 3.42 -26.05
C LEU A 20 17.20 3.99 -24.94
N LEU A 21 18.48 4.11 -25.24
CA LEU A 21 19.47 4.72 -24.38
C LEU A 21 19.04 6.10 -23.91
N THR A 22 18.43 6.90 -24.80
CA THR A 22 18.08 8.24 -24.40
C THR A 22 17.13 8.09 -23.23
N GLU A 23 16.03 7.34 -23.45
CA GLU A 23 14.96 7.14 -22.48
C GLU A 23 15.54 6.71 -21.14
N ILE A 24 16.31 5.62 -21.19
CA ILE A 24 16.99 5.09 -20.03
C ILE A 24 17.72 6.17 -19.23
N ALA A 25 18.62 6.89 -19.88
CA ALA A 25 19.42 7.89 -19.21
C ALA A 25 18.55 8.95 -18.59
N PHE A 26 17.55 9.39 -19.33
CA PHE A 26 16.75 10.50 -18.88
C PHE A 26 15.99 10.12 -17.58
N MET A 27 15.42 8.92 -17.54
CA MET A 27 14.56 8.50 -16.42
C MET A 27 15.43 8.28 -15.18
N ALA A 28 16.69 7.88 -15.37
CA ALA A 28 17.59 7.73 -14.24
C ALA A 28 17.98 9.10 -13.70
N ALA A 29 18.10 10.06 -14.61
CA ALA A 29 18.43 11.43 -14.23
C ALA A 29 17.24 11.94 -13.48
N LEU A 30 16.09 11.40 -13.81
CA LEU A 30 14.88 11.89 -13.22
C LEU A 30 14.67 11.29 -11.83
N ALA A 31 15.01 10.02 -11.66
CA ALA A 31 14.94 9.39 -10.35
C ALA A 31 15.88 10.13 -9.43
N PHE A 32 17.07 10.45 -9.93
CA PHE A 32 18.08 11.03 -9.09
C PHE A 32 17.60 12.36 -8.60
N ILE A 33 17.00 13.11 -9.52
CA ILE A 33 16.60 14.47 -9.23
C ILE A 33 15.46 14.42 -8.21
N ILE A 34 14.63 13.39 -8.31
CA ILE A 34 13.53 13.20 -7.39
C ILE A 34 14.01 12.72 -6.00
N SER A 35 15.02 11.85 -5.96
CA SER A 35 15.58 11.35 -4.67
C SER A 35 16.13 12.47 -3.82
N LEU A 36 16.22 13.67 -4.38
CA LEU A 36 16.78 14.82 -3.68
C LEU A 36 15.70 15.62 -2.94
N ILE A 37 14.45 15.22 -3.14
CA ILE A 37 13.36 15.82 -2.40
C ILE A 37 13.26 15.15 -1.02
N PRO A 38 13.00 15.94 0.03
CA PRO A 38 12.77 15.37 1.37
C PRO A 38 11.56 14.43 1.42
N ASN A 39 11.80 13.14 1.69
CA ASN A 39 10.79 12.10 1.64
C ASN A 39 10.66 11.29 2.96
N THR A 40 11.19 11.84 4.01
CA THR A 40 11.21 11.20 5.31
C THR A 40 9.89 11.39 6.12
N VAL A 41 9.27 10.28 6.48
CA VAL A 41 8.12 10.34 7.35
C VAL A 41 8.57 10.34 8.83
N TYR A 42 9.41 9.38 9.19
CA TYR A 42 9.95 9.28 10.57
C TYR A 42 11.18 8.40 10.61
N GLY A 43 12.30 8.94 11.13
CA GLY A 43 13.58 8.25 11.12
C GLY A 43 13.89 7.73 9.73
N TRP A 44 14.05 6.42 9.59
CA TRP A 44 14.35 5.84 8.28
C TRP A 44 13.12 5.34 7.55
N ILE A 45 11.93 5.82 7.91
CA ILE A 45 10.71 5.47 7.16
C ILE A 45 10.47 6.56 6.13
N ILE A 46 10.50 6.17 4.86
CA ILE A 46 10.46 7.13 3.79
C ILE A 46 9.37 6.78 2.82
N VAL A 47 8.96 7.77 2.03
CA VAL A 47 8.11 7.50 0.89
C VAL A 47 9.01 7.68 -0.29
N GLU A 48 9.43 6.60 -0.96
CA GLU A 48 10.46 6.75 -2.00
C GLU A 48 9.90 6.99 -3.42
N ILE A 49 9.32 8.17 -3.63
CA ILE A 49 8.77 8.56 -4.92
C ILE A 49 9.76 8.49 -6.07
N ALA A 50 11.05 8.52 -5.74
CA ALA A 50 12.07 8.49 -6.78
C ALA A 50 12.09 7.10 -7.49
N CYS A 51 11.40 6.10 -6.98
CA CYS A 51 11.38 4.84 -7.70
C CYS A 51 10.55 4.99 -8.96
N ILE A 52 9.68 5.98 -8.97
CA ILE A 52 8.62 6.00 -9.95
C ILE A 52 9.12 6.03 -11.40
N PRO A 53 10.06 6.93 -11.70
CA PRO A 53 10.53 6.88 -13.10
C PRO A 53 11.23 5.57 -13.53
N ILE A 54 11.78 4.82 -12.60
CA ILE A 54 12.41 3.55 -12.96
C ILE A 54 11.34 2.51 -13.28
N LEU A 55 10.24 2.60 -12.52
CA LEU A 55 9.15 1.66 -12.63
C LEU A 55 8.44 1.98 -13.95
N LEU A 56 8.24 3.26 -14.20
CA LEU A 56 7.61 3.64 -15.45
C LEU A 56 8.53 3.18 -16.57
N LEU A 57 9.85 3.21 -16.33
CA LEU A 57 10.78 2.87 -17.38
C LEU A 57 10.77 1.38 -17.67
N SER A 58 10.70 0.57 -16.62
CA SER A 58 10.70 -0.87 -16.77
C SER A 58 9.40 -1.33 -17.45
N LEU A 59 8.28 -0.71 -17.11
CA LEU A 59 7.00 -1.14 -17.65
C LEU A 59 6.90 -0.86 -19.13
N ARG A 60 7.50 0.23 -19.55
CA ARG A 60 7.43 0.67 -20.94
C ARG A 60 8.40 -0.06 -21.92
N ARG A 61 9.55 -0.51 -21.40
CA ARG A 61 10.67 -0.98 -22.23
C ARG A 61 11.25 -2.32 -21.79
N GLY A 62 10.71 -2.86 -20.69
CA GLY A 62 11.05 -4.21 -20.28
C GLY A 62 12.17 -4.26 -19.26
N LEU A 63 12.43 -5.49 -18.79
CA LEU A 63 13.37 -5.82 -17.74
C LEU A 63 14.73 -5.14 -17.86
N THR A 64 15.45 -5.52 -18.90
CA THR A 64 16.82 -5.07 -19.13
C THR A 64 16.96 -3.56 -19.07
N ALA A 65 16.16 -2.87 -19.86
CA ALA A 65 16.13 -1.42 -19.81
C ALA A 65 15.98 -0.96 -18.34
N GLY A 66 15.06 -1.58 -17.62
CA GLY A 66 14.83 -1.25 -16.23
C GLY A 66 15.99 -1.55 -15.28
N LEU A 67 16.60 -2.73 -15.41
CA LEU A 67 17.71 -3.11 -14.55
C LEU A 67 18.81 -2.08 -14.66
N VAL A 68 19.02 -1.63 -15.88
CA VAL A 68 20.15 -0.74 -16.25
C VAL A 68 19.89 0.70 -15.79
N GLY A 69 18.65 1.15 -15.93
CA GLY A 69 18.29 2.47 -15.44
C GLY A 69 18.38 2.50 -13.92
N GLY A 70 18.15 1.37 -13.27
CA GLY A 70 18.28 1.30 -11.83
C GLY A 70 19.75 1.43 -11.47
N LEU A 71 20.58 0.67 -12.18
CA LEU A 71 22.01 0.66 -11.97
C LEU A 71 22.55 2.10 -12.00
N ILE A 72 22.24 2.81 -13.07
CA ILE A 72 22.67 4.19 -13.27
C ILE A 72 22.18 5.16 -12.16
N TRP A 73 20.97 4.94 -11.67
CA TRP A 73 20.40 5.77 -10.61
C TRP A 73 21.27 5.56 -9.37
N GLY A 74 21.49 4.29 -9.04
CA GLY A 74 22.34 3.94 -7.90
C GLY A 74 23.70 4.60 -7.98
N ILE A 75 24.31 4.54 -9.15
CA ILE A 75 25.65 5.07 -9.32
C ILE A 75 25.61 6.58 -9.08
N LEU A 76 24.56 7.22 -9.59
CA LEU A 76 24.46 8.68 -9.46
C LEU A 76 24.34 9.07 -7.98
N SER A 77 23.52 8.32 -7.22
CA SER A 77 23.37 8.55 -5.80
C SER A 77 24.70 8.52 -5.09
N MET A 78 25.41 7.41 -5.23
CA MET A 78 26.75 7.25 -4.69
C MET A 78 27.79 8.29 -5.15
N ILE A 79 27.92 8.52 -6.45
CA ILE A 79 29.04 9.36 -6.88
C ILE A 79 28.80 10.82 -6.52
N THR A 80 27.55 11.19 -6.28
CA THR A 80 27.18 12.57 -5.99
C THR A 80 27.17 12.83 -4.49
N GLY A 81 27.23 11.77 -3.69
CA GLY A 81 27.27 11.91 -2.24
C GLY A 81 25.88 11.94 -1.56
N HIS A 82 24.84 11.48 -2.26
CA HIS A 82 23.45 11.46 -1.75
C HIS A 82 23.03 10.06 -1.36
N ALA A 83 24.01 9.29 -0.93
CA ALA A 83 23.81 7.90 -0.55
C ALA A 83 24.40 7.68 0.84
N TYR A 84 23.74 6.86 1.66
CA TYR A 84 24.21 6.55 3.02
C TYR A 84 24.88 5.19 2.98
N ILE A 85 26.19 5.22 3.11
CA ILE A 85 27.06 4.08 2.88
C ILE A 85 27.76 3.76 4.19
N LEU A 86 27.67 2.50 4.60
CA LEU A 86 28.33 2.09 5.84
C LEU A 86 29.55 1.24 5.52
N SER A 87 29.47 0.48 4.42
CA SER A 87 30.54 -0.40 3.98
C SER A 87 30.38 -0.75 2.49
N LEU A 88 31.41 -1.40 1.94
CA LEU A 88 31.43 -1.76 0.52
C LEU A 88 30.18 -2.57 0.19
N SER A 89 30.03 -3.68 0.91
CA SER A 89 28.92 -4.59 0.67
C SER A 89 27.51 -4.01 0.98
N GLN A 90 27.43 -3.02 1.87
CA GLN A 90 26.14 -2.39 2.18
C GLN A 90 25.80 -1.39 1.07
N ALA A 91 26.81 -0.74 0.54
CA ALA A 91 26.62 0.15 -0.61
C ALA A 91 26.18 -0.67 -1.81
N PHE A 92 26.77 -1.85 -1.93
CA PHE A 92 26.48 -2.70 -3.05
C PHE A 92 25.04 -3.22 -2.96
N LEU A 93 24.69 -3.72 -1.79
CA LEU A 93 23.36 -4.25 -1.61
C LEU A 93 22.25 -3.20 -1.78
N GLU A 94 22.44 -1.99 -1.24
CA GLU A 94 21.37 -0.98 -1.18
C GLU A 94 21.38 0.11 -2.26
N TYR A 95 22.50 0.26 -2.96
CA TYR A 95 22.59 1.30 -4.00
C TYR A 95 23.02 0.72 -5.37
N LEU A 96 23.13 -0.60 -5.48
CA LEU A 96 23.17 -1.24 -6.81
C LEU A 96 22.09 -2.34 -6.92
N VAL A 97 22.22 -3.41 -6.13
CA VAL A 97 21.19 -4.44 -6.17
C VAL A 97 19.77 -3.90 -5.98
N ALA A 98 19.57 -3.11 -4.94
CA ALA A 98 18.24 -2.65 -4.58
C ALA A 98 17.58 -1.79 -5.69
N PRO A 99 18.26 -0.73 -6.15
CA PRO A 99 17.62 -0.01 -7.28
C PRO A 99 17.57 -0.82 -8.61
N VAL A 100 18.60 -1.60 -8.94
CA VAL A 100 18.50 -2.49 -10.10
C VAL A 100 17.23 -3.32 -10.01
N SER A 101 16.87 -3.71 -8.80
CA SER A 101 15.84 -4.71 -8.67
C SER A 101 14.45 -4.19 -9.10
N LEU A 102 14.24 -2.89 -9.22
CA LEU A 102 12.97 -2.39 -9.72
C LEU A 102 12.70 -2.83 -11.20
N GLY A 103 13.75 -3.12 -11.95
CA GLY A 103 13.59 -3.59 -13.31
C GLY A 103 12.72 -4.83 -13.44
N ILE A 104 12.53 -5.58 -12.35
CA ILE A 104 11.65 -6.74 -12.42
C ILE A 104 10.21 -6.40 -12.86
N ALA A 105 9.81 -5.15 -12.67
CA ALA A 105 8.53 -4.64 -13.17
C ALA A 105 8.42 -4.80 -14.70
N GLY A 106 9.58 -4.75 -15.34
CA GLY A 106 9.65 -4.90 -16.77
C GLY A 106 9.07 -6.21 -17.26
N LEU A 107 9.00 -7.23 -16.40
CA LEU A 107 8.30 -8.47 -16.80
C LEU A 107 6.79 -8.28 -16.98
N PHE A 108 6.24 -7.13 -16.60
CA PHE A 108 4.80 -6.94 -16.69
C PHE A 108 4.47 -5.93 -17.82
N ARG A 109 5.47 -5.65 -18.66
CA ARG A 109 5.26 -4.76 -19.80
C ARG A 109 4.11 -5.20 -20.68
N GLN A 110 3.38 -4.22 -21.18
CA GLN A 110 2.30 -4.46 -22.11
C GLN A 110 2.74 -3.94 -23.46
N LYS A 111 2.87 -4.84 -24.42
CA LYS A 111 3.27 -4.45 -25.76
C LYS A 111 2.11 -3.95 -26.60
N THR A 112 0.88 -4.24 -26.19
CA THR A 112 -0.27 -3.91 -27.05
C THR A 112 -1.45 -3.30 -26.31
N ALA A 113 -2.16 -2.46 -27.05
CA ALA A 113 -3.35 -1.77 -26.57
C ALA A 113 -4.55 -2.72 -26.59
N PRO A 114 -5.61 -2.40 -25.83
CA PRO A 114 -5.67 -1.29 -24.87
C PRO A 114 -4.82 -1.57 -23.67
N LEU A 115 -4.32 -0.52 -23.03
CA LEU A 115 -3.61 -0.70 -21.80
C LEU A 115 -4.58 -1.10 -20.68
N LYS A 116 -4.14 -2.04 -19.86
CA LYS A 116 -4.92 -2.62 -18.76
C LYS A 116 -4.24 -2.21 -17.44
N LEU A 117 -5.01 -1.91 -16.40
CA LEU A 117 -4.42 -1.44 -15.15
C LEU A 117 -3.72 -2.56 -14.34
N ALA A 118 -4.35 -3.72 -14.25
CA ALA A 118 -3.82 -4.81 -13.42
C ALA A 118 -2.31 -5.03 -13.49
N PRO A 119 -1.76 -5.12 -14.71
CA PRO A 119 -0.33 -5.48 -14.75
C PRO A 119 0.56 -4.34 -14.30
N VAL A 120 0.06 -3.10 -14.46
CA VAL A 120 0.79 -1.95 -13.90
C VAL A 120 0.92 -2.10 -12.38
N LEU A 121 -0.17 -2.48 -11.71
CA LEU A 121 -0.20 -2.54 -10.26
C LEU A 121 0.47 -3.81 -9.77
N LEU A 122 0.25 -4.95 -10.43
CA LEU A 122 0.96 -6.15 -10.00
C LEU A 122 2.49 -5.99 -10.18
N GLY A 123 2.88 -5.32 -11.27
CA GLY A 123 4.30 -5.13 -11.55
C GLY A 123 4.95 -4.12 -10.60
N THR A 124 4.27 -2.99 -10.39
CA THR A 124 4.69 -1.99 -9.38
C THR A 124 4.81 -2.61 -7.97
N PHE A 125 3.82 -3.38 -7.58
CA PHE A 125 3.83 -4.03 -6.31
C PHE A 125 5.04 -4.98 -6.14
N VAL A 126 5.17 -6.01 -6.99
CA VAL A 126 6.26 -7.01 -6.87
C VAL A 126 7.68 -6.38 -6.78
N ALA A 127 7.87 -5.23 -7.42
CA ALA A 127 9.18 -4.63 -7.61
C ALA A 127 9.55 -3.69 -6.47
N VAL A 128 8.61 -2.87 -6.05
CA VAL A 128 8.79 -2.17 -4.80
C VAL A 128 9.01 -3.20 -3.66
N LEU A 129 8.21 -4.26 -3.62
CA LEU A 129 8.38 -5.29 -2.61
C LEU A 129 9.80 -5.83 -2.68
N LEU A 130 10.27 -6.16 -3.89
CA LEU A 130 11.61 -6.73 -4.04
C LEU A 130 12.67 -5.74 -3.55
N LYS A 131 12.54 -4.47 -3.93
CA LYS A 131 13.53 -3.50 -3.49
C LYS A 131 13.61 -3.43 -1.96
N TYR A 132 12.45 -3.40 -1.31
CA TYR A 132 12.42 -3.19 0.12
C TYR A 132 12.67 -4.49 0.89
N PHE A 133 12.66 -5.59 0.17
CA PHE A 133 13.13 -6.83 0.74
C PHE A 133 14.64 -6.74 0.90
N PHE A 134 15.32 -6.10 -0.05
CA PHE A 134 16.75 -6.00 0.03
C PHE A 134 17.12 -5.06 1.19
N HIS A 135 16.42 -3.93 1.30
CA HIS A 135 16.60 -3.04 2.42
C HIS A 135 16.35 -3.67 3.78
N PHE A 136 15.33 -4.51 3.84
CA PHE A 136 14.98 -5.25 5.05
C PHE A 136 16.15 -6.16 5.46
N ILE A 137 16.75 -6.83 4.48
CA ILE A 137 17.93 -7.66 4.73
C ILE A 137 19.09 -6.77 5.13
N ALA A 138 19.25 -5.67 4.40
CA ALA A 138 20.25 -4.68 4.76
C ALA A 138 20.01 -4.18 6.18
N GLY A 139 18.74 -3.92 6.51
CA GLY A 139 18.39 -3.33 7.79
C GLY A 139 18.78 -4.24 8.96
N ILE A 140 18.71 -5.54 8.73
CA ILE A 140 19.08 -6.50 9.75
C ILE A 140 20.58 -6.51 9.92
N ILE A 141 21.33 -6.54 8.81
CA ILE A 141 22.77 -6.73 8.88
C ILE A 141 23.53 -5.45 9.27
N PHE A 142 23.15 -4.31 8.71
CA PHE A 142 23.97 -3.12 8.83
C PHE A 142 23.38 -2.00 9.72
N TRP A 143 22.10 -2.07 10.08
CA TRP A 143 21.42 -0.94 10.71
C TRP A 143 20.86 -1.17 12.10
N SER A 144 21.12 -2.33 12.69
CA SER A 144 20.44 -2.68 13.94
C SER A 144 20.90 -1.81 15.10
N GLN A 145 22.07 -1.18 14.98
CA GLN A 145 22.52 -0.28 16.04
C GLN A 145 21.48 0.87 16.27
N TYR A 146 20.60 1.10 15.30
CA TYR A 146 19.56 2.15 15.40
C TYR A 146 18.18 1.68 15.87
N ALA A 147 18.03 0.40 16.16
CA ALA A 147 16.75 -0.20 16.58
C ALA A 147 16.16 0.42 17.84
N TRP A 148 14.86 0.74 17.79
CA TRP A 148 14.14 1.31 18.94
C TRP A 148 14.34 0.45 20.19
N LYS A 149 14.27 1.04 21.37
CA LYS A 149 14.46 0.27 22.58
C LYS A 149 13.46 -0.88 22.66
N GLY A 150 13.95 -2.08 23.00
CA GLY A 150 13.07 -3.22 23.22
C GLY A 150 12.91 -4.11 21.99
N TRP A 151 13.40 -3.62 20.85
CA TRP A 151 13.21 -4.33 19.59
C TRP A 151 14.42 -5.10 19.19
N GLY A 152 14.22 -6.32 18.72
CA GLY A 152 15.26 -7.04 18.00
C GLY A 152 15.44 -6.45 16.62
N ALA A 153 16.52 -6.84 15.96
CA ALA A 153 16.87 -6.30 14.65
C ALA A 153 15.88 -6.67 13.52
N VAL A 154 15.46 -7.93 13.45
CA VAL A 154 14.55 -8.41 12.42
C VAL A 154 13.22 -7.67 12.49
N ALA A 155 12.68 -7.56 13.70
CA ALA A 155 11.44 -6.80 13.95
C ALA A 155 11.59 -5.32 13.56
N TYR A 156 12.72 -4.72 13.95
CA TYR A 156 12.99 -3.32 13.69
C TYR A 156 13.07 -3.08 12.18
N SER A 157 13.77 -3.96 11.48
CA SER A 157 13.92 -3.82 10.03
C SER A 157 12.60 -4.06 9.29
N LEU A 158 11.77 -4.98 9.78
CA LEU A 158 10.48 -5.22 9.13
C LEU A 158 9.58 -4.00 9.24
N ALA A 159 9.48 -3.46 10.45
CA ALA A 159 8.65 -2.29 10.65
C ALA A 159 9.12 -1.15 9.75
N VAL A 160 10.41 -0.81 9.83
CA VAL A 160 10.96 0.34 9.13
C VAL A 160 10.88 0.15 7.60
N ASN A 161 11.28 -1.02 7.12
CA ASN A 161 11.30 -1.28 5.71
C ASN A 161 9.94 -1.77 5.19
N GLY A 162 9.19 -2.48 6.03
CA GLY A 162 7.84 -2.84 5.65
C GLY A 162 7.01 -1.60 5.39
N ILE A 163 7.12 -0.59 6.25
CA ILE A 163 6.22 0.58 6.20
C ILE A 163 6.69 1.50 5.08
N SER A 164 7.99 1.61 4.95
CA SER A 164 8.55 2.33 3.84
C SER A 164 8.13 1.69 2.52
N GLY A 165 8.17 0.35 2.46
CA GLY A 165 7.75 -0.36 1.28
C GLY A 165 6.30 -0.02 0.92
N ILE A 166 5.42 -0.14 1.91
CA ILE A 166 4.00 0.05 1.68
C ILE A 166 3.72 1.48 1.23
N LEU A 167 4.40 2.47 1.82
CA LEU A 167 4.07 3.87 1.55
C LEU A 167 4.60 4.22 0.16
N THR A 168 5.72 3.61 -0.21
CA THR A 168 6.30 3.86 -1.52
C THR A 168 5.36 3.28 -2.59
N ALA A 169 4.83 2.09 -2.34
CA ALA A 169 3.86 1.51 -3.25
C ALA A 169 2.60 2.38 -3.37
N ILE A 170 2.17 2.97 -2.28
CA ILE A 170 0.95 3.76 -2.31
C ILE A 170 1.19 4.95 -3.25
N ALA A 171 2.32 5.59 -3.04
CA ALA A 171 2.72 6.74 -3.83
C ALA A 171 2.85 6.35 -5.29
N ALA A 172 3.47 5.19 -5.52
CA ALA A 172 3.72 4.76 -6.86
C ALA A 172 2.35 4.51 -7.52
N PHE A 173 1.44 3.89 -6.77
CA PHE A 173 0.09 3.64 -7.25
C PHE A 173 -0.69 4.90 -7.55
N VAL A 174 -0.71 5.85 -6.63
CA VAL A 174 -1.44 7.04 -6.88
C VAL A 174 -1.00 7.59 -8.23
N ILE A 175 0.32 7.62 -8.45
CA ILE A 175 0.86 8.35 -9.59
C ILE A 175 0.70 7.55 -10.89
N LEU A 176 0.97 6.26 -10.80
CA LEU A 176 0.89 5.45 -12.00
C LEU A 176 -0.56 5.30 -12.40
N ILE A 177 -1.48 5.41 -11.44
CA ILE A 177 -2.90 5.28 -11.76
C ILE A 177 -3.34 6.52 -12.54
N ILE A 178 -2.99 7.72 -12.05
CA ILE A 178 -3.34 8.90 -12.83
C ILE A 178 -2.73 8.78 -14.25
N PHE A 179 -1.49 8.34 -14.36
CA PHE A 179 -0.81 8.21 -15.65
C PHE A 179 -1.54 7.18 -16.49
N VAL A 180 -1.83 6.01 -15.93
CA VAL A 180 -2.66 5.04 -16.64
C VAL A 180 -3.99 5.62 -17.15
N LYS A 181 -4.67 6.45 -16.35
CA LYS A 181 -5.94 7.05 -16.75
C LYS A 181 -5.83 8.26 -17.71
N LYS A 182 -4.73 9.02 -17.65
CA LYS A 182 -4.62 10.28 -18.40
C LYS A 182 -3.62 10.21 -19.57
N PHE A 183 -2.64 9.33 -19.47
CA PHE A 183 -1.57 9.26 -20.45
C PHE A 183 -1.17 7.77 -20.63
N PRO A 184 -2.12 6.90 -21.04
CA PRO A 184 -1.86 5.45 -21.20
C PRO A 184 -0.74 5.05 -22.18
N LYS A 185 -0.51 5.79 -23.26
CA LYS A 185 0.49 5.38 -24.27
C LYS A 185 1.91 5.50 -23.76
N LEU A 186 2.07 6.13 -22.58
CA LEU A 186 3.35 6.16 -21.88
C LEU A 186 3.86 4.75 -21.57
N PHE A 187 2.94 3.81 -21.33
CA PHE A 187 3.33 2.47 -20.91
C PHE A 187 3.49 1.52 -22.07
N ILE A 188 3.37 2.04 -23.30
CA ILE A 188 3.40 1.22 -24.50
C ILE A 188 4.36 1.79 -25.55
N HIS A 189 5.54 1.19 -25.63
CA HIS A 189 6.50 1.71 -26.56
C HIS A 189 6.00 1.54 -27.98
N SER A 190 6.28 2.53 -28.81
CA SER A 190 5.89 2.47 -30.20
C SER A 190 6.83 3.31 -31.06
N ASN A 191 7.26 2.72 -32.16
CA ASN A 191 7.95 3.45 -33.21
C ASN A 191 6.95 4.34 -33.96
N TYR A 192 7.46 5.21 -34.82
CA TYR A 192 6.68 6.15 -35.65
C TYR A 192 6.31 7.45 -34.90
N ASN B 17 -24.31 6.11 25.94
CA ASN B 17 -25.47 6.90 25.58
C ASN B 17 -26.34 6.19 24.56
N VAL B 18 -27.51 6.77 24.33
CA VAL B 18 -28.40 6.39 23.25
C VAL B 18 -27.76 6.87 21.95
N ARG B 19 -27.44 8.16 21.93
CA ARG B 19 -26.67 8.83 20.86
C ARG B 19 -25.53 7.96 20.26
N LEU B 20 -24.75 7.34 21.14
CA LEU B 20 -23.63 6.52 20.74
C LEU B 20 -24.14 5.20 20.19
N LEU B 21 -25.15 4.64 20.85
CA LEU B 21 -25.70 3.36 20.42
C LEU B 21 -26.23 3.50 19.00
N THR B 22 -26.85 4.62 18.65
CA THR B 22 -27.43 4.74 17.32
C THR B 22 -26.37 5.10 16.27
N GLU B 23 -25.40 5.93 16.64
CA GLU B 23 -24.24 6.18 15.79
C GLU B 23 -23.58 4.91 15.28
N ILE B 24 -23.31 4.01 16.22
CA ILE B 24 -22.70 2.73 15.95
C ILE B 24 -23.54 1.99 14.90
N ALA B 25 -24.83 1.95 15.12
CA ALA B 25 -25.75 1.20 14.28
C ALA B 25 -25.81 1.79 12.87
N PHE B 26 -25.96 3.10 12.78
CA PHE B 26 -26.03 3.81 11.50
C PHE B 26 -24.77 3.58 10.63
N MET B 27 -23.60 3.61 11.24
CA MET B 27 -22.37 3.54 10.47
C MET B 27 -22.11 2.09 10.02
N ALA B 28 -22.62 1.11 10.76
CA ALA B 28 -22.59 -0.28 10.34
C ALA B 28 -23.62 -0.54 9.23
N ALA B 29 -24.79 0.08 9.35
CA ALA B 29 -25.78 0.00 8.29
C ALA B 29 -25.22 0.69 7.03
N LEU B 30 -24.47 1.75 7.25
CA LEU B 30 -23.98 2.56 6.14
C LEU B 30 -22.81 1.85 5.44
N ALA B 31 -22.01 1.14 6.22
CA ALA B 31 -20.92 0.35 5.67
C ALA B 31 -21.57 -0.67 4.79
N PHE B 32 -22.67 -1.23 5.27
CA PHE B 32 -23.26 -2.39 4.63
C PHE B 32 -23.91 -1.98 3.33
N ILE B 33 -24.72 -0.92 3.40
CA ILE B 33 -25.26 -0.31 2.20
C ILE B 33 -24.15 -0.05 1.15
N ILE B 34 -23.01 0.52 1.58
CA ILE B 34 -21.89 0.81 0.66
C ILE B 34 -21.21 -0.45 0.11
N SER B 35 -21.29 -1.56 0.86
CA SER B 35 -20.65 -2.83 0.47
C SER B 35 -21.46 -3.59 -0.57
N LEU B 36 -22.55 -2.97 -1.00
CA LEU B 36 -23.34 -3.53 -2.09
C LEU B 36 -22.82 -2.97 -3.40
N ILE B 37 -22.22 -1.78 -3.33
CA ILE B 37 -21.59 -1.15 -4.49
C ILE B 37 -20.46 -2.05 -5.03
N PRO B 38 -20.46 -2.33 -6.35
CA PRO B 38 -19.39 -3.13 -6.94
C PRO B 38 -18.07 -2.39 -6.84
N ASN B 39 -17.02 -3.10 -6.42
CA ASN B 39 -15.74 -2.50 -6.02
C ASN B 39 -14.55 -3.34 -6.50
N THR B 40 -14.86 -4.34 -7.32
CA THR B 40 -13.87 -5.26 -7.86
C THR B 40 -13.01 -4.63 -8.97
N VAL B 41 -11.70 -4.61 -8.78
CA VAL B 41 -10.78 -4.21 -9.83
C VAL B 41 -10.46 -5.39 -10.76
N TYR B 42 -10.02 -6.49 -10.18
CA TYR B 42 -9.68 -7.66 -10.97
C TYR B 42 -9.67 -8.84 -10.04
N GLY B 43 -10.34 -9.92 -10.47
CA GLY B 43 -10.59 -11.09 -9.64
C GLY B 43 -10.87 -10.63 -8.24
N TRP B 44 -10.13 -11.21 -7.30
CA TRP B 44 -10.40 -10.91 -5.92
C TRP B 44 -9.74 -9.66 -5.42
N ILE B 45 -9.30 -8.80 -6.33
CA ILE B 45 -8.65 -7.56 -5.92
C ILE B 45 -9.75 -6.50 -5.94
N ILE B 46 -9.84 -5.77 -4.83
CA ILE B 46 -10.98 -4.89 -4.60
C ILE B 46 -10.58 -3.57 -3.94
N VAL B 47 -11.44 -2.58 -4.09
CA VAL B 47 -11.26 -1.31 -3.40
C VAL B 47 -12.39 -1.28 -2.36
N GLU B 48 -12.10 -1.63 -1.12
CA GLU B 48 -13.19 -1.75 -0.15
C GLU B 48 -13.56 -0.41 0.51
N ILE B 49 -14.21 0.47 -0.25
CA ILE B 49 -14.73 1.73 0.28
C ILE B 49 -15.65 1.57 1.50
N ALA B 50 -16.20 0.37 1.65
CA ALA B 50 -17.15 0.15 2.71
C ALA B 50 -16.49 0.24 4.08
N CYS B 51 -15.16 0.19 4.15
CA CYS B 51 -14.48 0.28 5.44
C CYS B 51 -14.60 1.69 6.03
N ILE B 52 -14.81 2.66 5.15
CA ILE B 52 -14.66 4.03 5.54
C ILE B 52 -15.55 4.39 6.74
N PRO B 53 -16.86 4.11 6.63
CA PRO B 53 -17.74 4.48 7.75
C PRO B 53 -17.31 3.89 9.12
N ILE B 54 -16.71 2.70 9.11
CA ILE B 54 -16.24 2.08 10.34
C ILE B 54 -15.02 2.81 10.82
N LEU B 55 -14.17 3.24 9.88
CA LEU B 55 -12.95 3.94 10.23
C LEU B 55 -13.33 5.23 10.92
N LEU B 56 -14.25 5.93 10.27
CA LEU B 56 -14.75 7.18 10.76
C LEU B 56 -15.34 7.01 12.15
N LEU B 57 -16.14 5.97 12.33
CA LEU B 57 -16.72 5.68 13.63
C LEU B 57 -15.66 5.52 14.73
N SER B 58 -14.58 4.79 14.45
CA SER B 58 -13.58 4.50 15.46
C SER B 58 -12.79 5.76 15.78
N LEU B 59 -12.37 6.50 14.76
CA LEU B 59 -11.69 7.79 14.98
C LEU B 59 -12.52 8.76 15.80
N ARG B 60 -13.84 8.65 15.67
CA ARG B 60 -14.73 9.58 16.33
C ARG B 60 -15.06 9.21 17.78
N ARG B 61 -15.26 7.92 18.04
CA ARG B 61 -15.76 7.43 19.31
C ARG B 61 -14.84 6.44 20.02
N GLY B 62 -13.68 6.19 19.41
CA GLY B 62 -12.65 5.34 19.99
C GLY B 62 -12.78 3.86 19.68
N LEU B 63 -11.88 3.10 20.31
CA LEU B 63 -11.69 1.69 20.00
C LEU B 63 -12.98 0.87 20.03
N THR B 64 -13.62 0.88 21.18
CA THR B 64 -14.71 -0.02 21.45
C THR B 64 -15.90 0.17 20.55
N ALA B 65 -16.26 1.43 20.32
CA ALA B 65 -17.35 1.76 19.42
C ALA B 65 -17.06 1.22 18.04
N GLY B 66 -15.77 1.15 17.69
CA GLY B 66 -15.37 0.79 16.35
C GLY B 66 -15.39 -0.74 16.14
N LEU B 67 -14.99 -1.47 17.18
CA LEU B 67 -15.05 -2.92 17.20
C LEU B 67 -16.49 -3.39 17.03
N VAL B 68 -17.39 -2.84 17.84
CA VAL B 68 -18.80 -3.20 17.79
C VAL B 68 -19.36 -2.84 16.42
N GLY B 69 -18.90 -1.73 15.87
CA GLY B 69 -19.35 -1.27 14.57
C GLY B 69 -19.02 -2.29 13.49
N GLY B 70 -17.74 -2.65 13.41
CA GLY B 70 -17.32 -3.67 12.48
C GLY B 70 -17.98 -5.03 12.73
N LEU B 71 -18.21 -5.35 14.00
CA LEU B 71 -18.82 -6.63 14.35
C LEU B 71 -20.21 -6.67 13.72
N ILE B 72 -20.91 -5.56 13.81
CA ILE B 72 -22.30 -5.50 13.35
C ILE B 72 -22.33 -5.57 11.84
N TRP B 73 -21.37 -4.87 11.24
CA TRP B 73 -21.17 -4.87 9.81
C TRP B 73 -20.98 -6.29 9.28
N GLY B 74 -20.12 -7.07 9.90
CA GLY B 74 -19.86 -8.41 9.43
C GLY B 74 -21.06 -9.32 9.60
N ILE B 75 -21.86 -9.02 10.61
CA ILE B 75 -23.02 -9.83 10.91
C ILE B 75 -24.03 -9.60 9.79
N LEU B 76 -24.33 -8.33 9.51
CA LEU B 76 -25.22 -7.96 8.43
C LEU B 76 -24.78 -8.62 7.12
N SER B 77 -23.48 -8.68 6.89
CA SER B 77 -22.99 -9.21 5.62
C SER B 77 -23.35 -10.69 5.45
N MET B 78 -23.05 -11.50 6.47
CA MET B 78 -23.44 -12.92 6.51
C MET B 78 -24.95 -13.20 6.47
N ILE B 79 -25.73 -12.46 7.24
CA ILE B 79 -27.15 -12.84 7.39
C ILE B 79 -27.97 -12.44 6.16
N THR B 80 -27.43 -11.56 5.32
CA THR B 80 -28.12 -11.13 4.10
C THR B 80 -27.66 -11.90 2.85
N GLY B 81 -26.67 -12.79 3.01
CA GLY B 81 -26.14 -13.55 1.89
C GLY B 81 -25.28 -12.74 0.92
N HIS B 82 -24.49 -11.80 1.45
CA HIS B 82 -23.60 -10.94 0.64
C HIS B 82 -22.17 -11.21 0.97
N ALA B 83 -21.95 -12.15 1.88
CA ALA B 83 -20.62 -12.55 2.31
C ALA B 83 -20.11 -13.78 1.53
N TYR B 84 -18.82 -13.82 1.21
CA TYR B 84 -18.27 -15.02 0.54
C TYR B 84 -17.76 -15.97 1.64
N ILE B 85 -18.55 -17.00 1.88
CA ILE B 85 -18.35 -17.93 2.98
C ILE B 85 -17.97 -19.32 2.45
N LEU B 86 -16.85 -19.82 2.94
CA LEU B 86 -16.38 -21.15 2.59
C LEU B 86 -16.42 -22.11 3.76
N SER B 87 -16.36 -21.58 4.98
CA SER B 87 -16.51 -22.40 6.17
C SER B 87 -16.70 -21.57 7.43
N LEU B 88 -17.02 -22.25 8.53
CA LEU B 88 -17.26 -21.57 9.80
C LEU B 88 -16.03 -20.75 10.15
N SER B 89 -14.87 -21.41 10.18
CA SER B 89 -13.63 -20.76 10.52
C SER B 89 -13.22 -19.64 9.53
N GLN B 90 -13.43 -19.84 8.23
CA GLN B 90 -13.12 -18.81 7.24
C GLN B 90 -14.03 -17.57 7.37
N ALA B 91 -15.29 -17.80 7.68
CA ALA B 91 -16.27 -16.73 7.82
C ALA B 91 -15.94 -15.94 9.09
N PHE B 92 -15.63 -16.69 10.14
CA PHE B 92 -15.21 -16.11 11.40
C PHE B 92 -14.02 -15.18 11.20
N LEU B 93 -13.01 -15.67 10.50
CA LEU B 93 -11.83 -14.87 10.29
C LEU B 93 -12.10 -13.62 9.44
N GLU B 94 -12.81 -13.79 8.32
CA GLU B 94 -12.92 -12.73 7.32
C GLU B 94 -14.16 -11.84 7.46
N TYR B 95 -15.12 -12.27 8.27
CA TYR B 95 -16.37 -11.52 8.38
C TYR B 95 -16.75 -11.21 9.82
N LEU B 96 -15.93 -11.63 10.78
CA LEU B 96 -16.05 -11.17 12.16
C LEU B 96 -14.71 -10.54 12.60
N VAL B 97 -13.63 -11.32 12.66
CA VAL B 97 -12.31 -10.79 12.95
C VAL B 97 -11.88 -9.63 12.02
N ALA B 98 -11.83 -9.88 10.72
CA ALA B 98 -11.37 -8.85 9.78
C ALA B 98 -12.07 -7.48 9.96
N PRO B 99 -13.42 -7.45 9.96
CA PRO B 99 -14.05 -6.12 10.03
C PRO B 99 -14.02 -5.51 11.44
N VAL B 100 -14.07 -6.33 12.48
CA VAL B 100 -13.90 -5.89 13.86
C VAL B 100 -12.56 -5.16 13.99
N SER B 101 -11.55 -5.62 13.26
CA SER B 101 -10.20 -5.13 13.48
C SER B 101 -10.04 -3.70 12.98
N LEU B 102 -10.98 -3.18 12.22
CA LEU B 102 -10.84 -1.78 11.78
C LEU B 102 -11.02 -0.81 12.96
N GLY B 103 -11.56 -1.32 14.05
CA GLY B 103 -11.72 -0.54 15.26
C GLY B 103 -10.41 -0.02 15.85
N ILE B 104 -9.29 -0.58 15.40
CA ILE B 104 -8.00 -0.20 15.97
C ILE B 104 -7.65 1.27 15.64
N ALA B 105 -8.26 1.81 14.58
CA ALA B 105 -8.13 3.22 14.23
C ALA B 105 -8.56 4.12 15.41
N GLY B 106 -9.36 3.57 16.30
CA GLY B 106 -9.86 4.31 17.43
C GLY B 106 -8.78 4.69 18.42
N LEU B 107 -7.67 3.98 18.42
CA LEU B 107 -6.58 4.34 19.31
C LEU B 107 -6.02 5.73 18.96
N PHE B 108 -6.37 6.23 17.77
CA PHE B 108 -5.87 7.48 17.21
C PHE B 108 -6.99 8.51 17.24
N ARG B 109 -8.07 8.19 17.94
CA ARG B 109 -9.11 9.17 18.24
C ARG B 109 -8.49 10.44 18.83
N GLN B 110 -9.03 11.59 18.43
CA GLN B 110 -8.59 12.89 18.89
C GLN B 110 -9.68 13.56 19.71
N LYS B 111 -9.40 13.81 20.98
CA LYS B 111 -10.45 14.37 21.86
C LYS B 111 -10.43 15.89 21.97
N THR B 112 -9.45 16.57 21.39
CA THR B 112 -9.33 18.00 21.59
C THR B 112 -8.70 18.75 20.42
N ALA B 113 -9.12 19.99 20.32
CA ALA B 113 -8.74 20.90 19.27
C ALA B 113 -7.26 21.31 19.34
N PRO B 114 -6.69 21.72 18.21
CA PRO B 114 -7.31 21.63 16.89
C PRO B 114 -7.11 20.23 16.39
N LEU B 115 -7.99 19.79 15.52
CA LEU B 115 -7.87 18.51 14.86
C LEU B 115 -6.67 18.51 13.95
N LYS B 116 -5.92 17.41 13.98
CA LYS B 116 -4.77 17.19 13.11
C LYS B 116 -5.06 16.08 12.09
N LEU B 117 -4.60 16.27 10.85
CA LEU B 117 -4.81 15.27 9.79
C LEU B 117 -3.97 14.00 9.95
N ALA B 118 -2.81 14.11 10.58
CA ALA B 118 -1.90 12.98 10.66
C ALA B 118 -2.52 11.82 11.44
N PRO B 119 -3.05 12.09 12.65
CA PRO B 119 -3.62 10.95 13.37
C PRO B 119 -4.67 10.22 12.56
N VAL B 120 -5.47 10.97 11.80
CA VAL B 120 -6.50 10.36 10.96
C VAL B 120 -5.88 9.41 9.94
N LEU B 121 -4.89 9.89 9.19
CA LEU B 121 -4.20 9.06 8.22
C LEU B 121 -3.43 7.91 8.88
N LEU B 122 -2.91 8.13 10.07
CA LEU B 122 -2.19 7.06 10.77
C LEU B 122 -3.14 5.93 11.20
N GLY B 123 -4.31 6.32 11.71
CA GLY B 123 -5.33 5.40 12.18
C GLY B 123 -5.85 4.51 11.05
N THR B 124 -6.19 5.16 9.95
CA THR B 124 -6.56 4.48 8.73
C THR B 124 -5.51 3.48 8.22
N PHE B 125 -4.25 3.92 8.16
CA PHE B 125 -3.13 3.11 7.71
C PHE B 125 -3.09 1.79 8.47
N VAL B 126 -3.03 1.91 9.79
CA VAL B 126 -2.90 0.76 10.67
C VAL B 126 -4.09 -0.18 10.55
N ALA B 127 -5.29 0.40 10.61
CA ALA B 127 -6.52 -0.38 10.57
C ALA B 127 -6.68 -1.14 9.23
N VAL B 128 -6.46 -0.46 8.11
CA VAL B 128 -6.63 -1.14 6.85
C VAL B 128 -5.59 -2.26 6.69
N LEU B 129 -4.37 -2.03 7.19
CA LEU B 129 -3.30 -3.01 7.13
C LEU B 129 -3.68 -4.23 7.92
N LEU B 130 -4.24 -4.00 9.10
CA LEU B 130 -4.57 -5.10 9.98
C LEU B 130 -5.71 -5.97 9.35
N LYS B 131 -6.70 -5.31 8.75
CA LYS B 131 -7.82 -6.06 8.19
C LYS B 131 -7.25 -6.95 7.11
N TYR B 132 -6.45 -6.33 6.26
CA TYR B 132 -5.92 -7.04 5.13
C TYR B 132 -4.85 -8.04 5.47
N PHE B 133 -4.23 -7.91 6.64
CA PHE B 133 -3.37 -8.97 7.15
C PHE B 133 -4.17 -10.22 7.52
N PHE B 134 -5.39 -10.02 8.02
CA PHE B 134 -6.24 -11.16 8.31
C PHE B 134 -6.73 -11.79 7.00
N HIS B 135 -7.13 -10.96 6.04
CA HIS B 135 -7.46 -11.47 4.71
C HIS B 135 -6.26 -12.21 4.04
N PHE B 136 -5.05 -11.70 4.27
CA PHE B 136 -3.86 -12.31 3.70
C PHE B 136 -3.71 -13.72 4.29
N ILE B 137 -3.90 -13.84 5.59
CA ILE B 137 -3.78 -15.13 6.23
C ILE B 137 -4.85 -16.10 5.75
N ALA B 138 -6.06 -15.58 5.49
CA ALA B 138 -7.18 -16.39 5.01
C ALA B 138 -6.96 -16.86 3.57
N GLY B 139 -6.37 -15.99 2.77
CA GLY B 139 -6.02 -16.28 1.38
C GLY B 139 -5.10 -17.50 1.28
N ILE B 140 -4.13 -17.57 2.20
CA ILE B 140 -3.21 -18.71 2.26
C ILE B 140 -3.96 -19.99 2.58
N ILE B 141 -4.81 -19.93 3.61
CA ILE B 141 -5.44 -21.12 4.15
C ILE B 141 -6.65 -21.58 3.29
N PHE B 142 -7.39 -20.65 2.70
CA PHE B 142 -8.71 -20.97 2.14
C PHE B 142 -8.92 -20.73 0.63
N TRP B 143 -8.04 -19.96 0.01
CA TRP B 143 -8.25 -19.46 -1.35
C TRP B 143 -7.19 -19.93 -2.35
N SER B 144 -6.29 -20.82 -1.94
CA SER B 144 -5.11 -21.05 -2.76
C SER B 144 -5.51 -21.77 -4.05
N GLN B 145 -6.66 -22.42 -4.06
CA GLN B 145 -7.08 -23.13 -5.28
C GLN B 145 -7.30 -22.16 -6.48
N TYR B 146 -7.22 -20.86 -6.23
CA TYR B 146 -7.39 -19.84 -7.25
C TYR B 146 -6.08 -19.17 -7.67
N ALA B 147 -4.98 -19.54 -7.03
CA ALA B 147 -3.65 -19.00 -7.34
C ALA B 147 -3.29 -19.08 -8.82
N TRP B 148 -2.92 -17.91 -9.35
CA TRP B 148 -2.43 -17.75 -10.71
C TRP B 148 -1.36 -18.80 -11.10
N LYS B 149 -1.23 -19.10 -12.38
CA LYS B 149 -0.31 -20.17 -12.81
C LYS B 149 1.11 -19.80 -12.39
N GLY B 150 1.81 -20.77 -11.78
CA GLY B 150 3.16 -20.55 -11.26
C GLY B 150 3.25 -20.08 -9.80
N TRP B 151 2.18 -19.48 -9.28
CA TRP B 151 2.24 -18.91 -7.92
C TRP B 151 1.86 -19.87 -6.80
N GLY B 152 2.73 -19.98 -5.80
CA GLY B 152 2.44 -20.66 -4.55
C GLY B 152 1.45 -19.81 -3.77
N ALA B 153 1.00 -20.35 -2.63
CA ALA B 153 -0.16 -19.78 -1.92
C ALA B 153 0.17 -18.48 -1.19
N VAL B 154 1.33 -18.43 -0.53
CA VAL B 154 1.78 -17.22 0.14
C VAL B 154 1.85 -16.08 -0.86
N ALA B 155 2.60 -16.26 -1.94
CA ALA B 155 2.75 -15.22 -2.95
C ALA B 155 1.40 -14.79 -3.54
N TYR B 156 0.54 -15.74 -3.84
CA TYR B 156 -0.72 -15.39 -4.48
C TYR B 156 -1.51 -14.49 -3.53
N SER B 157 -1.63 -14.93 -2.27
CA SER B 157 -2.34 -14.16 -1.24
C SER B 157 -1.71 -12.78 -0.98
N LEU B 158 -0.39 -12.69 -0.94
CA LEU B 158 0.23 -11.40 -0.69
C LEU B 158 -0.07 -10.43 -1.82
N ALA B 159 0.00 -10.93 -3.05
CA ALA B 159 -0.22 -10.07 -4.19
C ALA B 159 -1.65 -9.55 -4.11
N VAL B 160 -2.61 -10.45 -3.95
CA VAL B 160 -4.02 -10.13 -4.09
C VAL B 160 -4.50 -9.21 -2.97
N ASN B 161 -4.19 -9.61 -1.75
CA ASN B 161 -4.60 -8.84 -0.58
C ASN B 161 -3.70 -7.65 -0.29
N GLY B 162 -2.46 -7.69 -0.74
CA GLY B 162 -1.59 -6.52 -0.62
C GLY B 162 -2.09 -5.38 -1.50
N ILE B 163 -2.43 -5.70 -2.73
CA ILE B 163 -2.87 -4.69 -3.68
C ILE B 163 -4.27 -4.19 -3.28
N SER B 164 -5.15 -5.08 -2.81
CA SER B 164 -6.45 -4.64 -2.29
C SER B 164 -6.25 -3.67 -1.12
N GLY B 165 -5.41 -4.07 -0.16
CA GLY B 165 -5.12 -3.24 1.00
C GLY B 165 -4.69 -1.84 0.63
N ILE B 166 -3.91 -1.71 -0.44
CA ILE B 166 -3.27 -0.46 -0.78
C ILE B 166 -4.31 0.40 -1.43
N LEU B 167 -5.10 -0.22 -2.31
CA LEU B 167 -6.10 0.52 -3.05
C LEU B 167 -7.19 1.01 -2.09
N THR B 168 -7.44 0.18 -1.09
CA THR B 168 -8.44 0.48 -0.08
C THR B 168 -7.96 1.67 0.77
N ALA B 169 -6.68 1.68 1.14
CA ALA B 169 -6.14 2.77 1.95
C ALA B 169 -6.15 4.05 1.14
N ILE B 170 -5.84 3.95 -0.15
CA ILE B 170 -5.82 5.10 -1.03
C ILE B 170 -7.21 5.73 -1.00
N ALA B 171 -8.24 4.94 -1.34
CA ALA B 171 -9.63 5.44 -1.30
C ALA B 171 -10.02 6.01 0.08
N ALA B 172 -9.72 5.27 1.13
CA ALA B 172 -9.91 5.77 2.48
C ALA B 172 -9.17 7.13 2.71
N PHE B 173 -7.93 7.24 2.24
CA PHE B 173 -7.16 8.44 2.48
C PHE B 173 -7.84 9.59 1.78
N VAL B 174 -8.20 9.36 0.51
CA VAL B 174 -8.82 10.38 -0.33
C VAL B 174 -10.09 10.97 0.29
N ILE B 175 -10.97 10.10 0.80
CA ILE B 175 -12.27 10.49 1.32
C ILE B 175 -12.14 11.14 2.69
N LEU B 176 -11.36 10.51 3.56
CA LEU B 176 -11.14 11.07 4.89
C LEU B 176 -10.47 12.44 4.87
N ILE B 177 -9.71 12.74 3.83
CA ILE B 177 -9.04 14.06 3.69
C ILE B 177 -10.04 15.11 3.22
N ILE B 178 -10.85 14.74 2.22
CA ILE B 178 -11.97 15.56 1.85
C ILE B 178 -12.81 15.82 3.12
N PHE B 179 -13.25 14.76 3.80
CA PHE B 179 -14.03 14.94 5.02
C PHE B 179 -13.35 15.75 6.11
N VAL B 180 -12.02 15.78 6.15
CA VAL B 180 -11.37 16.56 7.19
C VAL B 180 -11.44 18.05 6.82
N LYS B 181 -11.42 18.36 5.52
CA LYS B 181 -11.43 19.76 5.07
C LYS B 181 -12.87 20.31 5.01
N LYS B 182 -13.84 19.44 4.72
CA LYS B 182 -15.24 19.82 4.51
C LYS B 182 -16.12 19.68 5.79
N PHE B 183 -15.84 18.67 6.61
CA PHE B 183 -16.61 18.45 7.84
C PHE B 183 -15.69 18.08 9.04
N PRO B 184 -14.73 18.93 9.36
CA PRO B 184 -13.82 18.70 10.50
C PRO B 184 -14.48 18.39 11.85
N LYS B 185 -15.58 19.06 12.21
CA LYS B 185 -16.27 18.76 13.47
C LYS B 185 -16.68 17.26 13.64
N LEU B 186 -16.80 16.52 12.53
CA LEU B 186 -17.16 15.09 12.56
C LEU B 186 -16.18 14.25 13.37
N PHE B 187 -14.94 14.71 13.44
CA PHE B 187 -13.86 13.89 13.96
C PHE B 187 -13.65 14.06 15.47
N ILE B 188 -14.28 15.08 16.06
CA ILE B 188 -14.18 15.34 17.47
C ILE B 188 -15.58 15.41 18.08
N HIS B 189 -15.93 14.37 18.80
CA HIS B 189 -17.14 14.39 19.57
C HIS B 189 -17.08 15.46 20.63
N SER B 190 -18.20 16.18 20.75
CA SER B 190 -18.49 17.05 21.84
C SER B 190 -19.93 16.78 22.27
N ASN B 191 -20.17 16.68 23.56
CA ASN B 191 -21.51 16.93 24.08
C ASN B 191 -21.85 18.36 23.68
N TYR B 192 -23.09 18.78 23.92
CA TYR B 192 -23.55 20.09 23.47
C TYR B 192 -23.89 19.99 21.98
C2A 0YN C . 16.44 -0.23 9.56
C35 0YN C . 18.82 1.88 4.74
C2 0YN C . 16.43 1.88 3.67
S1 0YN C . 15.86 2.47 2.19
C5 0YN C . 17.23 3.05 1.47
C4 0YN C . 18.25 2.82 2.42
C4A 0YN C . 19.69 3.21 2.21
C5A 0YN C . 17.34 3.70 0.10
C5B 0YN C . 16.47 4.94 0.00
O5G 0YN C . 17.27 6.09 0.17
N1' 0YN C . 17.45 1.53 8.24
C2' 0YN C . 17.06 0.30 8.26
N3' 0YN C . 17.19 -0.50 7.18
C4' 0YN C . 17.71 -0.08 6.01
N4' 0YN C . 17.79 -0.98 4.90
C5' 0YN C . 18.17 1.27 5.98
C6' 0YN C . 18.05 2.06 7.14
C3 0YN C . 17.81 2.18 3.63
C1 BNG D . 2.92 11.07 15.86
C2 BNG D . 2.89 12.33 16.70
C3 BNG D . 2.33 12.07 18.08
C4 BNG D . 1.00 11.37 17.94
C5 BNG D . 1.19 10.07 17.17
C6 BNG D . -0.15 9.34 17.05
C1' BNG D . 4.44 11.35 13.98
C2' BNG D . 4.50 10.10 13.09
C3' BNG D . 4.25 8.83 14.02
C4' BNG D . 5.45 7.86 13.91
C5' BNG D . 5.12 6.59 13.08
C6' BNG D . 5.33 6.83 11.56
C7' BNG D . 5.09 5.53 10.76
C8' BNG D . 4.30 5.82 9.47
C9' BNG D . 3.20 4.79 9.30
O1 BNG D . 3.10 11.50 14.51
O2 BNG D . 4.15 12.94 16.79
O3 BNG D . 2.09 13.32 18.65
O4 BNG D . 0.42 11.12 19.20
O5 BNG D . 1.71 10.37 15.89
O6 BNG D . -1.20 10.10 16.42
O1 P6G E . 11.05 -11.49 -1.46
C2 P6G E . 10.06 -10.62 -1.93
C3 P6G E . 9.61 -11.10 -3.31
O4 P6G E . 9.85 -10.07 -4.28
C5 P6G E . 9.25 -10.28 -5.58
C6 P6G E . 10.27 -10.99 -6.52
O7 P6G E . 9.62 -12.07 -7.14
C8 P6G E . 8.79 -11.70 -8.24
C9 P6G E . 9.36 -12.31 -9.54
O10 P6G E . 8.28 -12.85 -10.32
C11 P6G E . 7.92 -12.09 -11.47
C12 P6G E . 6.49 -12.51 -11.95
O13 P6G E . 6.49 -12.82 -13.39
C14 P6G E . 5.16 -12.88 -13.99
C15 P6G E . 5.23 -13.03 -15.53
O16 P6G E . 4.45 -11.99 -16.11
C17 P6G E . 3.24 -12.37 -16.76
C18 P6G E . 3.50 -12.39 -18.26
O19 P6G E . 2.52 -11.69 -18.95
O1 P6G F . 6.77 -7.51 14.85
C2 P6G F . 6.66 -6.27 14.20
C3 P6G F . 5.91 -6.40 12.87
O4 P6G F . 5.86 -5.16 12.14
C5 P6G F . 4.75 -4.99 11.23
C6 P6G F . 5.29 -4.45 9.87
O7 P6G F . 4.35 -3.61 9.23
C8 P6G F . 4.90 -2.84 8.17
C9 P6G F . 4.97 -3.72 6.89
O10 P6G F . 4.32 -4.98 7.12
C11 P6G F . 5.24 -6.05 7.29
C12 P6G F . 5.28 -6.89 6.00
O13 P6G F . 5.01 -6.08 4.81
C14 P6G F . 4.70 -6.97 3.73
C15 P6G F . 4.23 -6.11 2.54
O16 P6G F . 5.03 -4.93 2.51
C17 P6G F . 4.70 -4.04 1.45
C18 P6G F . 5.53 -4.28 0.18
O19 P6G F . 4.93 -3.67 -0.92
OH2 1PE G . 9.76 15.36 4.85
C12 1PE G . 9.31 16.22 3.80
C22 1PE G . 8.79 17.52 4.37
OH3 1PE G . 7.43 17.35 4.76
C13 1PE G . 5.40 18.13 5.86
C23 1PE G . 6.94 18.32 5.71
OH4 1PE G . 4.76 18.25 4.57
C14 1PE G . 2.70 18.53 3.22
C24 1PE G . 3.30 18.46 4.61
OH5 1PE G . 1.40 19.11 3.27
C15 1PE G . 1.54 20.41 1.23
C25 1PE G . 0.75 19.41 2.01
OH6 1PE G . 0.68 21.41 0.56
C16 1PE G . 1.94 21.93 -1.49
C26 1PE G . 0.65 21.37 -0.87
OH7 1PE G . 2.86 22.36 -0.45
C1 PEG H . 9.42 -9.45 3.88
O1 PEG H . 9.71 -9.85 5.14
C2 PEG H . 8.72 -8.11 3.96
O2 PEG H . 9.67 -7.08 3.78
C3 PEG H . 9.45 -6.41 2.53
C4 PEG H . 9.03 -5.00 2.78
O4 PEG H . 9.99 -4.48 3.66
C1 PEG I . 16.02 -9.51 -11.84
O1 PEG I . 15.29 -10.60 -12.10
C2 PEG I . 15.47 -8.89 -10.60
O2 PEG I . 16.54 -8.47 -9.76
C3 PEG I . 17.43 -7.50 -10.35
C4 PEG I . 18.71 -7.40 -9.57
O4 PEG I . 18.53 -8.06 -8.35
C1 PEG J . 22.87 -5.03 -13.78
O1 PEG J . 23.09 -3.81 -13.24
C2 PEG J . 22.10 -4.83 -15.06
O2 PEG J . 22.41 -5.88 -15.95
C3 PEG J . 21.32 -6.80 -16.19
C4 PEG J . 21.30 -7.23 -17.62
O4 PEG J . 21.95 -6.25 -18.40
C1 PEG K . 19.08 4.23 -34.24
O1 PEG K . 17.79 4.56 -34.49
C2 PEG K . 19.56 3.22 -35.26
O2 PEG K . 19.63 1.94 -34.66
C3 PEG K . 20.66 1.10 -35.20
C4 PEG K . 22.02 1.64 -34.83
O4 PEG K . 22.45 1.06 -33.62
C1 PEG L . -6.20 7.42 -8.47
O1 PEG L . -5.82 7.16 -7.18
C2 PEG L . -6.54 8.88 -8.45
O2 PEG L . -5.92 9.33 -7.26
C3 PEG L . -6.70 10.29 -6.53
C4 PEG L . -6.08 11.65 -6.72
O4 PEG L . -6.10 12.29 -5.47
C1 PEG M . 2.55 9.18 0.81
O1 PEG M . 2.13 7.96 0.40
C2 PEG M . 1.85 9.55 2.10
O2 PEG M . 2.76 10.17 3.00
C3 PEG M . 2.13 10.75 4.16
C4 PEG M . 2.97 11.86 4.73
O4 PEG M . 2.22 12.49 5.74
O1 PE4 N . 29.50 0.95 -17.43
C1 PE4 N . 29.55 1.75 -16.27
C2 PE4 N . 29.09 3.17 -16.62
O2 PE4 N . 30.12 4.07 -16.27
C3 PE4 N . 30.15 5.17 -17.15
C4 PE4 N . 30.63 6.44 -16.46
O3 PE4 N . 29.56 7.39 -16.40
C5 PE4 N . 28.54 7.09 -15.42
C6 PE4 N . 27.65 8.30 -15.25
O4 PE4 N . 27.45 8.90 -16.56
C7 PE4 N . 26.43 9.88 -16.63
C8 PE4 N . 26.08 10.24 -18.13
O5 PE4 N . 25.01 11.23 -18.12
C9 PE4 N . 24.04 11.00 -17.07
C10 PE4 N . 23.86 12.22 -16.16
O6 PE4 N . 23.11 13.23 -16.83
C11 PE4 N . 22.16 13.86 -15.98
C12 PE4 N . 22.68 13.76 -14.53
O7 PE4 N . 22.52 15.02 -13.87
C13 PE4 N . 21.43 15.03 -12.91
C14 PE4 N . 21.35 16.43 -12.30
O8 PE4 N . 22.15 16.47 -11.10
C15 PE4 N . 21.85 17.61 -10.25
C16 PE4 N . 22.96 17.82 -9.16
C5 PG0 O . 17.63 -6.10 -24.45
O2 PG0 O . 16.85 -4.92 -24.36
C4 PG0 O . 17.55 -3.78 -24.76
C3 PG0 O . 17.86 -2.94 -23.54
O1 PG0 O . 19.00 -2.14 -23.79
C2 PG0 O . 20.14 -2.56 -23.05
C1 PG0 O . 21.34 -1.71 -23.41
OTT PG0 O . 21.12 -0.36 -23.06
O1 PG4 P . 29.85 -0.19 -4.94
C1 PG4 P . 30.55 0.92 -4.52
C2 PG4 P . 31.26 0.55 -3.22
O2 PG4 P . 32.02 1.62 -2.72
C3 PG4 P . 31.34 2.78 -2.35
C4 PG4 P . 31.71 3.15 -0.87
O3 PG4 P . 32.64 2.26 -0.36
C5 PG4 P . 32.85 2.30 1.09
C6 PG4 P . 32.87 3.75 1.57
O4 PG4 P . 33.48 3.86 2.87
C7 PG4 P . 33.22 2.78 3.79
C8 PG4 P . 33.30 3.38 5.16
O5 PG4 P . 33.98 2.46 6.04
O1 PG4 Q . 30.54 2.31 -9.03
C1 PG4 Q . 29.96 3.17 -8.12
C2 PG4 Q . 30.91 4.31 -7.74
O2 PG4 Q . 31.16 4.31 -6.34
C3 PG4 Q . 31.41 5.58 -5.81
C4 PG4 Q . 31.29 5.59 -4.25
O3 PG4 Q . 31.72 6.81 -3.74
C5 PG4 Q . 32.03 6.81 -2.30
C6 PG4 Q . 32.24 8.26 -1.82
O4 PG4 Q . 31.36 9.13 -2.54
C7 PG4 Q . 31.88 10.44 -2.86
C8 PG4 Q . 31.47 11.42 -1.78
O5 PG4 Q . 31.71 10.82 -0.49
O1 PG4 R . 7.27 12.45 -0.72
C1 PG4 R . 6.98 13.68 -0.17
C2 PG4 R . 7.21 13.58 1.33
O2 PG4 R . 6.80 12.32 1.79
C3 PG4 R . 6.96 12.18 3.17
C4 PG4 R . 5.98 13.13 3.92
O3 PG4 R . 6.63 13.70 5.00
C5 PG4 R . 5.72 14.12 6.06
C6 PG4 R . 6.48 14.88 7.15
O4 PG4 R . 5.94 14.56 8.44
C7 PG4 R . 6.87 14.63 9.52
C8 PG4 R . 6.85 16.02 10.07
O5 PG4 R . 7.23 16.93 9.00
C2A 0YN S . -6.30 -14.71 -2.31
C35 0YN S . -11.35 -13.43 0.16
C2 0YN S . -10.52 -10.91 0.29
S1 0YN S . -11.16 -9.48 0.96
C5 0YN S . -12.61 -10.12 1.57
C4 0YN S . -12.64 -11.49 1.27
C4A 0YN S . -13.81 -12.35 1.66
C5A 0YN S . -13.77 -9.48 2.32
C5B 0YN S . -14.20 -8.14 1.80
O5G 0YN S . -15.53 -8.29 1.41
N1' 0YN S . -8.73 -14.39 -2.34
C2' 0YN S . -7.62 -14.38 -1.62
N3' 0YN S . -7.64 -14.08 -0.32
C4' 0YN S . -8.79 -13.77 0.31
N4' 0YN S . -8.75 -13.46 1.69
C5' 0YN S . -10.00 -13.77 -0.44
C6' 0YN S . -9.93 -14.09 -1.79
C3 0YN S . -11.47 -11.95 0.56
C1 BNG T . -2.67 8.48 20.80
C2 BNG T . -2.32 9.33 22.02
C3 BNG T . -3.27 10.52 22.17
C4 BNG T . -3.29 11.23 20.85
C5 BNG T . -3.91 10.20 19.93
C6 BNG T . -4.37 10.86 18.65
C1' BNG T . -1.97 6.21 20.21
C2' BNG T . -0.81 5.35 19.72
C3' BNG T . -1.45 4.06 19.01
C4' BNG T . -0.39 3.04 18.54
C5' BNG T . -1.06 1.64 18.49
C6' BNG T . -0.15 0.58 17.82
C7' BNG T . -0.45 0.54 16.30
C8' BNG T . 0.19 -0.70 15.68
C9' BNG T . -0.13 -1.91 16.55
O1 BNG T . -1.59 7.57 20.51
O2 BNG T . -2.43 8.54 23.16
O3 BNG T . -2.87 11.43 23.16
O4 BNG T . -4.07 12.41 20.92
O5 BNG T . -2.91 9.24 19.66
O6 BNG T . -3.26 11.41 17.96
C1 BNG U . -29.29 -2.61 13.81
C2 BNG U . -29.62 -1.78 12.55
C3 BNG U . -29.81 -0.29 12.82
C4 BNG U . -30.60 -0.10 14.11
C5 BNG U . -29.85 -0.82 15.21
C6 BNG U . -30.51 -0.50 16.53
C1' BNG U . -29.15 -4.93 14.53
C2' BNG U . -28.97 -6.33 13.89
C3' BNG U . -28.15 -7.32 14.88
C4' BNG U . -28.50 -8.81 14.61
C5' BNG U . -28.32 -9.67 15.90
C6' BNG U . -26.81 -9.95 16.20
C7' BNG U . -26.55 -10.08 17.74
C8' BNG U . -25.41 -9.13 18.18
C9' BNG U . -25.27 -9.06 19.69
O1 BNG U . -29.69 -3.96 13.58
O2 BNG U . -28.59 -1.96 11.59
O3 BNG U . -30.53 0.33 11.78
O4 BNG U . -30.78 1.26 14.42
O5 BNG U . -29.93 -2.22 14.97
O6 BNG U . -30.85 0.88 16.57
OH2 1PE V . 4.59 -11.16 -4.36
C12 1PE V . 5.73 -11.98 -4.41
C22 1PE V . 5.91 -12.51 -5.83
OH3 1PE V . 6.85 -13.59 -5.86
C13 1PE V . 6.56 -14.84 -7.96
C23 1PE V . 6.34 -14.82 -6.41
OH4 1PE V . 6.08 -16.05 -8.55
C14 1PE V . 5.59 -16.96 -10.78
C24 1PE V . 5.39 -15.81 -9.82
OH5 1PE V . 5.04 -16.58 -12.04
C15 1PE V . 4.77 -16.92 -14.38
C25 1PE V . 5.56 -17.29 -13.18
OH6 1PE V . 4.36 -18.17 -15.08
C16 1PE V . 5.70 -20.12 -14.48
C26 1PE V . 5.44 -18.99 -15.51
OH7 1PE V . 7.09 -20.18 -14.13
C1 PEG W . -21.15 -20.64 8.70
O1 PEG W . -21.63 -20.81 7.44
C2 PEG W . -21.71 -19.37 9.30
O2 PEG W . -21.09 -19.13 10.55
C3 PEG W . -20.39 -17.87 10.68
C4 PEG W . -20.03 -17.65 12.13
O4 PEG W . -18.81 -16.96 12.21
C1 PEG X . 0.70 6.99 7.25
O1 PEG X . -0.10 7.10 6.17
C2 PEG X . 1.55 8.23 7.34
O2 PEG X . 0.88 9.30 7.96
C3 PEG X . 1.56 9.75 9.17
C4 PEG X . 2.32 11.05 8.99
O4 PEG X . 3.05 11.40 10.15
C1 PEG Y . -1.97 -13.46 -13.57
O1 PEG Y . -0.85 -13.13 -12.85
C2 PEG Y . -3.09 -12.44 -13.45
O2 PEG Y . -2.63 -11.22 -12.90
C3 PEG Y . -3.70 -10.37 -12.40
C4 PEG Y . -3.36 -9.78 -11.05
O4 PEG Y . -3.55 -8.40 -11.10
C1 PEG Z . -28.91 -15.47 13.46
O1 PEG Z . -28.21 -16.45 14.10
C2 PEG Z . -29.87 -16.12 12.51
O2 PEG Z . -29.20 -16.78 11.44
C3 PEG Z . -29.52 -16.19 10.15
C4 PEG Z . -28.94 -16.95 8.97
O4 PEG Z . -29.33 -16.32 7.78
C1 PEG AA . 5.79 -14.81 4.63
O1 PEG AA . 7.14 -14.76 4.77
C2 PEG AA . 5.20 -13.49 5.06
O2 PEG AA . 5.48 -12.50 4.09
C3 PEG AA . 4.96 -11.21 4.50
C4 PEG AA . 5.23 -10.12 3.47
O4 PEG AA . 6.60 -10.06 3.15
C1 PEG BA . -1.65 12.54 1.44
O1 PEG BA . -1.39 11.32 1.98
C2 PEG BA . -1.59 13.64 2.48
O2 PEG BA . -1.98 14.87 1.90
C3 PEG BA . -2.04 16.02 2.79
C4 PEG BA . -2.76 17.19 2.13
O4 PEG BA . -2.48 18.37 2.83
C1 PEG CA . -17.87 6.83 0.85
O1 PEG CA . -17.42 5.77 1.58
C2 PEG CA . -17.35 6.73 -0.57
O2 PEG CA . -18.39 6.26 -1.43
C3 PEG CA . -18.72 7.16 -2.51
C4 PEG CA . -17.55 7.31 -3.47
O4 PEG CA . -17.51 6.23 -4.36
C1 PEG DA . -9.26 2.15 -9.47
O1 PEG DA . -9.10 2.54 -10.77
C2 PEG DA . -8.66 3.22 -8.60
O2 PEG DA . -9.32 3.22 -7.34
C3 PEG DA . -9.33 4.54 -6.73
C4 PEG DA . -8.76 4.41 -5.35
O4 PEG DA . -7.60 3.63 -5.44
C1 PEG EA . -16.05 5.49 25.01
O1 PEG EA . -14.73 5.44 25.31
C2 PEG EA . -16.77 4.45 25.85
O2 PEG EA . -16.29 3.16 25.52
C3 PEG EA . -17.36 2.24 25.26
C4 PEG EA . -18.01 2.66 23.97
O4 PEG EA . -18.99 1.70 23.70
C1 PEG FA . -22.39 -3.29 22.57
O1 PEG FA . -23.56 -3.98 22.54
C2 PEG FA . -22.54 -2.01 23.35
O2 PEG FA . -21.26 -1.58 23.78
C3 PEG FA . -21.13 -0.20 24.19
C4 PEG FA . -21.62 0.70 23.06
O4 PEG FA . -22.94 1.04 23.35
C5 PG0 GA . -10.31 -8.67 15.28
O2 PG0 GA . -9.16 -8.13 15.90
C4 PG0 GA . -9.43 -7.38 17.06
C3 PG0 GA . -8.20 -6.66 17.57
O1 PG0 GA . -8.12 -5.33 17.09
C2 PG0 GA . -7.22 -4.53 17.79
C1 PG0 GA . -7.81 -4.14 19.14
OTT PG0 GA . -6.82 -3.41 19.86
C5 PG0 HA . -16.97 -12.08 -8.51
O2 PG0 HA . -16.89 -12.80 -7.27
C4 PG0 HA . -16.30 -12.15 -6.14
C3 PG0 HA . -14.89 -11.62 -6.42
O1 PG0 HA . -14.76 -10.22 -6.16
C2 PG0 HA . -15.17 -9.81 -4.87
C1 PG0 HA . -15.87 -8.47 -4.96
OTT PG0 HA . -15.65 -7.64 -3.83
C5 PG0 IA . -13.97 0.49 -7.63
O2 PG0 IA . -14.72 1.24 -6.68
C4 PG0 IA . -14.04 2.27 -5.98
C3 PG0 IA . -13.79 3.50 -6.84
O1 PG0 IA . -14.16 4.70 -6.17
C2 PG0 IA . -13.25 5.15 -5.19
C1 PG0 IA . -13.65 6.52 -4.65
OTT PG0 IA . -12.56 7.04 -3.92
C5 PG0 JA . -25.25 -21.83 10.02
O2 PG0 JA . -26.44 -21.03 10.04
C4 PG0 JA . -26.77 -20.45 11.29
C3 PG0 JA . -25.57 -19.74 11.90
O1 PG0 JA . -25.02 -20.59 12.91
C2 PG0 JA . -23.65 -20.39 13.24
C1 PG0 JA . -23.40 -20.74 14.70
OTT PG0 JA . -22.21 -20.15 15.19
O1 PG4 KA . -23.05 -15.20 13.66
C1 PG4 KA . -24.24 -14.75 13.11
C2 PG4 KA . -24.12 -14.72 11.57
O2 PG4 KA . -24.30 -16.01 11.02
C3 PG4 KA . -24.90 -15.98 9.77
C4 PG4 KA . -24.70 -17.36 9.03
O3 PG4 KA . -24.79 -17.21 7.65
C5 PG4 KA . -25.91 -17.92 7.03
C6 PG4 KA . -26.16 -17.42 5.59
O4 PG4 KA . -27.13 -18.25 4.91
C7 PG4 KA . -27.83 -17.57 3.87
C8 PG4 KA . -28.66 -16.52 4.52
O5 PG4 KA . -29.14 -15.59 3.52
O1 PG4 LA . 3.46 -10.19 7.05
C1 PG4 LA . 3.22 -9.15 6.17
C2 PG4 LA . 1.79 -8.62 6.35
O2 PG4 LA . 1.06 -8.90 5.18
C3 PG4 LA . 0.77 -7.77 4.40
C4 PG4 LA . -0.66 -7.98 3.81
O3 PG4 LA . -1.36 -6.79 3.88
C5 PG4 LA . -0.55 -5.58 3.76
C6 PG4 LA . -0.96 -4.83 2.49
O4 PG4 LA . -0.84 -3.38 2.59
C7 PG4 LA . -1.83 -2.70 3.41
C8 PG4 LA . -1.91 -1.24 3.07
O5 PG4 LA . -1.97 -0.42 4.27
#